data_7VPF
#
_entry.id   7VPF
#
_cell.length_a   141.932
_cell.length_b   141.932
_cell.length_c   76.701
_cell.angle_alpha   90.000
_cell.angle_beta   90.000
_cell.angle_gamma   120.000
#
_symmetry.space_group_name_H-M   'H 3'
#
loop_
_entity.id
_entity.type
_entity.pdbx_description
1 polymer 'Xylose isomerase'
2 non-polymer 'CALCIUM ION'
3 non-polymer 'ZINC ION'
#
_entity_poly.entity_id   1
_entity_poly.type   'polypeptide(L)'
_entity_poly.pdbx_seq_one_letter_code
;MGSSHHHHHHSSGLVPRGSHMERFTNIDRLSLNQITTNSWSLREAAEGCVRAEIPWIALWRNKVEEAGLAESKRIVRDAG
LKVSSLCRGGMFPAATAAERAARIDDNRRAIDEAAELEAEVLVLVCGPAPDRDIDGARQMVEVAIHELVPYAQERGVTLG
IEPLHPMYAAERSVISTLAQATTIAERFTPQQVGVVVDVFHVWWDPELYKQIARASGRILGFHVSDWIVPTPDMLLGRGM
MGDGVIELNRIRQAVEAAGYRGPIEVEIFNQAIWDRPGDEVLAEMKARYLEHV
;
_entity_poly.pdbx_strand_id   A,B
#
# COMPACT_ATOMS: atom_id res chain seq x y z
N MET A 21 -8.52 -16.52 23.13
CA MET A 21 -7.30 -16.12 22.39
C MET A 21 -6.07 -16.73 23.07
N GLU A 22 -6.04 -18.05 23.21
CA GLU A 22 -4.91 -18.75 23.88
C GLU A 22 -3.78 -18.98 22.89
N ARG A 23 -2.55 -19.16 23.42
CA ARG A 23 -1.29 -19.34 22.68
C ARG A 23 -1.09 -20.79 22.22
N PHE A 24 -0.10 -21.01 21.37
CA PHE A 24 0.25 -22.37 20.90
C PHE A 24 1.06 -23.08 22.00
N THR A 25 1.14 -24.41 21.92
CA THR A 25 1.88 -25.23 22.88
C THR A 25 3.10 -25.88 22.27
N ASN A 26 3.08 -26.14 20.96
CA ASN A 26 4.21 -26.71 20.25
C ASN A 26 4.74 -25.72 19.22
N ILE A 27 5.88 -26.08 18.64
CA ILE A 27 6.39 -25.39 17.48
C ILE A 27 6.31 -26.28 16.24
N ASP A 28 5.44 -27.30 16.29
CA ASP A 28 5.29 -28.22 15.17
C ASP A 28 4.70 -27.54 13.96
N ARG A 29 3.90 -26.48 14.17
CA ARG A 29 3.36 -25.72 13.06
C ARG A 29 4.32 -24.64 12.56
N LEU A 30 5.33 -24.29 13.36
CA LEU A 30 6.29 -23.28 12.96
C LEU A 30 7.09 -23.74 11.74
N SER A 31 7.44 -22.77 10.89
CA SER A 31 8.36 -23.00 9.80
C SER A 31 9.35 -21.86 9.73
N LEU A 32 10.48 -22.13 9.09
CA LEU A 32 11.57 -21.16 8.96
C LEU A 32 11.78 -20.89 7.47
N ASN A 33 11.51 -19.66 7.05
CA ASN A 33 11.90 -19.24 5.71
C ASN A 33 13.39 -18.94 5.71
N GLN A 34 14.07 -19.37 4.64
CA GLN A 34 15.52 -19.21 4.56
C GLN A 34 15.94 -17.76 4.70
N ILE A 35 15.10 -16.83 4.23
CA ILE A 35 15.54 -15.43 4.10
C ILE A 35 15.46 -14.68 5.42
N THR A 36 14.87 -15.28 6.46
CA THR A 36 15.04 -14.71 7.79
C THR A 36 16.44 -14.94 8.30
N THR A 37 17.18 -15.85 7.68
CA THR A 37 18.61 -16.05 7.92
C THR A 37 19.33 -16.14 6.58
N ASN A 38 19.26 -15.04 5.84
CA ASN A 38 19.82 -14.90 4.47
C ASN A 38 21.34 -15.08 4.49
N SER A 39 21.98 -14.78 5.62
CA SER A 39 23.41 -14.97 5.79
C SER A 39 23.79 -16.45 5.64
N TRP A 40 22.97 -17.33 6.21
CA TRP A 40 23.25 -18.75 6.18
C TRP A 40 22.93 -19.35 4.81
N SER A 41 23.68 -20.38 4.46
CA SER A 41 23.36 -21.20 3.29
C SER A 41 22.21 -22.13 3.63
N LEU A 42 21.90 -23.08 2.75
CA LEU A 42 20.79 -24.00 3.01
C LEU A 42 21.16 -25.09 4.01
N ARG A 43 22.40 -25.60 3.98
CA ARG A 43 22.72 -26.64 4.95
C ARG A 43 23.04 -26.04 6.32
N GLU A 44 23.56 -24.81 6.36
CA GLU A 44 23.65 -24.10 7.63
C GLU A 44 22.25 -23.85 8.19
N ALA A 45 21.30 -23.51 7.32
CA ALA A 45 19.93 -23.28 7.77
C ALA A 45 19.33 -24.56 8.33
N ALA A 46 19.49 -25.67 7.62
CA ALA A 46 18.93 -26.95 8.09
C ALA A 46 19.54 -27.34 9.43
N GLU A 47 20.85 -27.19 9.58
CA GLU A 47 21.49 -27.47 10.86
C GLU A 47 20.92 -26.56 11.95
N GLY A 48 20.68 -25.29 11.62
CA GLY A 48 20.10 -24.39 12.60
C GLY A 48 18.69 -24.75 13.02
N CYS A 49 17.88 -25.27 12.09
CA CYS A 49 16.50 -25.59 12.46
C CYS A 49 16.38 -26.93 13.17
N VAL A 50 17.30 -27.87 12.93
CA VAL A 50 17.25 -29.08 13.74
C VAL A 50 17.89 -28.82 15.10
N ARG A 51 18.90 -27.94 15.16
CA ARG A 51 19.45 -27.53 16.44
C ARG A 51 18.39 -26.86 17.31
N ALA A 52 17.52 -26.06 16.69
CA ALA A 52 16.45 -25.37 17.40
C ALA A 52 15.16 -26.19 17.44
N GLU A 53 15.19 -27.42 16.93
CA GLU A 53 14.04 -28.33 16.96
C GLU A 53 12.86 -27.77 16.15
N ILE A 54 13.19 -27.12 15.04
CA ILE A 54 12.16 -26.54 14.15
C ILE A 54 11.87 -27.56 13.06
N PRO A 55 10.62 -28.00 12.91
CA PRO A 55 10.33 -29.10 11.99
C PRO A 55 10.20 -28.68 10.52
N TRP A 56 9.71 -27.47 10.27
CA TRP A 56 9.37 -27.03 8.93
C TRP A 56 10.34 -25.97 8.41
N ILE A 57 10.70 -26.08 7.14
CA ILE A 57 11.57 -25.10 6.49
C ILE A 57 10.99 -24.77 5.12
N ALA A 58 11.19 -23.52 4.70
CA ALA A 58 10.75 -23.03 3.40
C ALA A 58 11.97 -22.65 2.60
N LEU A 59 12.11 -23.23 1.41
CA LEU A 59 13.35 -23.13 0.65
C LEU A 59 13.24 -22.06 -0.43
N TRP A 60 14.36 -21.41 -0.69
CA TRP A 60 14.47 -20.41 -1.75
C TRP A 60 15.22 -21.00 -2.94
N ARG A 61 14.82 -20.59 -4.15
CA ARG A 61 15.36 -21.20 -5.35
C ARG A 61 16.83 -20.86 -5.55
N ASN A 62 17.25 -19.65 -5.16
CA ASN A 62 18.65 -19.27 -5.34
C ASN A 62 19.58 -20.12 -4.49
N LYS A 63 19.19 -20.40 -3.25
CA LYS A 63 20.02 -21.22 -2.38
C LYS A 63 20.05 -22.67 -2.85
N VAL A 64 18.91 -23.18 -3.34
CA VAL A 64 18.87 -24.54 -3.86
C VAL A 64 19.77 -24.67 -5.08
N GLU A 65 19.75 -23.65 -5.96
CA GLU A 65 20.65 -23.66 -7.10
C GLU A 65 22.10 -23.55 -6.67
N GLU A 66 22.38 -22.75 -5.62
CA GLU A 66 23.71 -22.72 -5.03
C GLU A 66 24.17 -24.12 -4.65
N ALA A 67 23.36 -24.83 -3.87
CA ALA A 67 23.77 -26.14 -3.37
C ALA A 67 23.65 -27.22 -4.44
N GLY A 68 22.56 -27.20 -5.21
CA GLY A 68 22.28 -28.28 -6.13
C GLY A 68 21.00 -28.98 -5.74
N LEU A 69 20.20 -29.36 -6.73
CA LEU A 69 18.87 -29.91 -6.46
C LEU A 69 18.96 -31.18 -5.63
N ALA A 70 19.66 -32.19 -6.15
CA ALA A 70 19.80 -33.45 -5.42
C ALA A 70 20.49 -33.24 -4.08
N GLU A 71 21.52 -32.38 -4.07
CA GLU A 71 22.25 -32.13 -2.83
C GLU A 71 21.38 -31.46 -1.79
N SER A 72 20.61 -30.44 -2.18
CA SER A 72 19.69 -29.77 -1.25
C SER A 72 18.63 -30.73 -0.73
N LYS A 73 18.10 -31.58 -1.63
CA LYS A 73 17.12 -32.58 -1.23
C LYS A 73 17.69 -33.51 -0.17
N ARG A 74 18.92 -33.98 -0.37
CA ARG A 74 19.57 -34.83 0.62
C ARG A 74 19.79 -34.09 1.94
N ILE A 75 20.17 -32.81 1.86
CA ILE A 75 20.43 -32.01 3.07
C ILE A 75 19.20 -31.96 3.94
N VAL A 76 18.06 -31.60 3.33
CA VAL A 76 16.86 -31.37 4.13
C VAL A 76 16.06 -32.65 4.32
N ARG A 77 16.48 -33.76 3.72
CA ARG A 77 15.86 -35.03 4.06
C ARG A 77 16.62 -35.80 5.13
N ASP A 78 17.94 -35.61 5.25
CA ASP A 78 18.68 -36.22 6.35
C ASP A 78 18.72 -35.31 7.57
N ALA A 79 18.14 -34.12 7.49
CA ALA A 79 17.78 -33.34 8.66
C ALA A 79 16.40 -33.68 9.17
N GLY A 80 15.67 -34.54 8.45
CA GLY A 80 14.30 -34.84 8.83
C GLY A 80 13.36 -33.67 8.67
N LEU A 81 13.69 -32.72 7.80
CA LEU A 81 12.91 -31.51 7.63
C LEU A 81 11.82 -31.69 6.59
N LYS A 82 10.64 -31.15 6.88
CA LYS A 82 9.56 -31.04 5.93
C LYS A 82 9.58 -29.64 5.31
N VAL A 83 9.17 -29.56 4.04
CA VAL A 83 9.30 -28.35 3.26
C VAL A 83 7.92 -27.72 3.10
N SER A 84 7.76 -26.52 3.66
CA SER A 84 6.47 -25.84 3.59
C SER A 84 6.22 -25.22 2.22
N SER A 85 7.15 -24.39 1.77
CA SER A 85 7.00 -23.70 0.49
C SER A 85 8.35 -23.59 -0.20
N LEU A 86 8.30 -23.46 -1.52
CA LEU A 86 9.48 -23.15 -2.33
C LEU A 86 9.25 -21.79 -2.97
N CYS A 87 10.16 -20.84 -2.69
CA CYS A 87 10.07 -19.49 -3.20
C CYS A 87 11.23 -19.22 -4.15
N ARG A 88 10.94 -18.63 -5.31
CA ARG A 88 9.59 -18.28 -5.72
C ARG A 88 9.45 -18.36 -7.23
N GLY A 89 8.33 -18.90 -7.70
CA GLY A 89 7.99 -18.82 -9.09
C GLY A 89 7.28 -17.53 -9.42
N GLY A 90 7.19 -17.24 -10.72
CA GLY A 90 6.47 -16.05 -11.14
C GLY A 90 7.20 -15.19 -12.14
N MET A 91 7.16 -13.87 -11.92
CA MET A 91 7.76 -12.89 -12.84
C MET A 91 7.19 -13.06 -14.25
N PHE A 92 5.86 -13.19 -14.34
CA PHE A 92 5.26 -13.46 -15.64
C PHE A 92 5.33 -12.29 -16.61
N PRO A 93 4.98 -11.06 -16.24
CA PRO A 93 4.94 -9.98 -17.24
C PRO A 93 6.33 -9.69 -17.81
N ALA A 94 6.37 -9.53 -19.13
CA ALA A 94 7.60 -9.18 -19.82
C ALA A 94 7.25 -8.33 -21.03
N ALA A 95 8.26 -7.63 -21.55
CA ALA A 95 8.03 -6.68 -22.64
C ALA A 95 7.59 -7.37 -23.93
N THR A 96 8.03 -8.61 -24.16
CA THR A 96 7.64 -9.31 -25.37
C THR A 96 7.39 -10.77 -25.08
N ALA A 97 6.90 -11.48 -26.11
CA ALA A 97 6.23 -12.75 -25.90
C ALA A 97 7.22 -13.89 -25.71
N ALA A 98 8.33 -13.86 -26.45
CA ALA A 98 9.39 -14.84 -26.22
C ALA A 98 9.96 -14.72 -24.82
N GLU A 99 10.02 -13.50 -24.29
CA GLU A 99 10.47 -13.30 -22.92
C GLU A 99 9.49 -13.94 -21.95
N ARG A 100 8.18 -13.80 -22.21
CA ARG A 100 7.17 -14.43 -21.38
C ARG A 100 7.26 -15.96 -21.45
N ALA A 101 7.55 -16.49 -22.65
CA ALA A 101 7.73 -17.93 -22.79
C ALA A 101 8.93 -18.41 -21.97
N ALA A 102 10.03 -17.66 -22.00
CA ALA A 102 11.18 -18.03 -21.20
C ALA A 102 10.84 -17.98 -19.72
N ARG A 103 10.06 -16.97 -19.30
CA ARG A 103 9.70 -16.85 -17.89
C ARG A 103 8.78 -17.99 -17.43
N ILE A 104 7.85 -18.42 -18.28
CA ILE A 104 6.99 -19.52 -17.84
C ILE A 104 7.70 -20.87 -17.97
N ASP A 105 8.74 -20.97 -18.78
CA ASP A 105 9.58 -22.16 -18.72
C ASP A 105 10.43 -22.17 -17.44
N ASP A 106 10.88 -20.99 -17.00
CA ASP A 106 11.53 -20.91 -15.69
C ASP A 106 10.53 -21.25 -14.58
N ASN A 107 9.26 -20.90 -14.78
CA ASN A 107 8.25 -21.30 -13.81
C ASN A 107 8.06 -22.82 -13.83
N ARG A 108 8.21 -23.46 -14.98
CA ARG A 108 8.13 -24.92 -15.05
C ARG A 108 9.29 -25.60 -14.32
N ARG A 109 10.46 -24.99 -14.44
CA ARG A 109 11.67 -25.43 -13.74
C ARG A 109 11.38 -25.32 -12.24
N ALA A 110 10.89 -24.18 -11.80
CA ALA A 110 10.55 -24.00 -10.39
C ALA A 110 9.52 -25.03 -9.93
N ILE A 111 8.55 -25.33 -10.79
CA ILE A 111 7.57 -26.37 -10.48
C ILE A 111 8.25 -27.70 -10.26
N ASP A 112 9.20 -28.05 -11.14
CA ASP A 112 9.92 -29.31 -11.01
C ASP A 112 10.77 -29.32 -9.75
N GLU A 113 11.43 -28.19 -9.44
CA GLU A 113 12.21 -28.08 -8.21
C GLU A 113 11.34 -28.32 -6.99
N ALA A 114 10.13 -27.75 -6.98
CA ALA A 114 9.21 -27.98 -5.87
C ALA A 114 8.76 -29.44 -5.85
N ALA A 115 8.57 -30.05 -7.02
CA ALA A 115 8.10 -31.42 -7.07
C ALA A 115 9.10 -32.38 -6.46
N GLU A 116 10.37 -32.30 -6.87
CA GLU A 116 11.34 -33.24 -6.32
C GLU A 116 11.79 -32.86 -4.91
N LEU A 117 11.61 -31.61 -4.51
CA LEU A 117 11.91 -31.19 -3.15
C LEU A 117 10.72 -31.41 -2.22
N GLU A 118 9.64 -32.04 -2.71
CA GLU A 118 8.48 -32.41 -1.90
C GLU A 118 7.79 -31.18 -1.30
N ALA A 119 7.86 -30.04 -1.97
CA ALA A 119 7.29 -28.82 -1.41
C ALA A 119 5.77 -28.90 -1.40
N GLU A 120 5.18 -28.41 -0.30
CA GLU A 120 3.73 -28.39 -0.18
C GLU A 120 3.11 -27.41 -1.15
N VAL A 121 3.62 -26.17 -1.16
CA VAL A 121 3.09 -25.11 -2.00
C VAL A 121 4.24 -24.42 -2.72
N LEU A 122 4.05 -24.15 -4.01
CA LEU A 122 4.98 -23.31 -4.76
C LEU A 122 4.46 -21.88 -4.71
N VAL A 123 5.18 -21.02 -4.02
CA VAL A 123 4.75 -19.63 -3.83
C VAL A 123 5.02 -18.86 -5.12
N LEU A 124 4.03 -18.08 -5.56
CA LEU A 124 4.13 -17.29 -6.78
C LEU A 124 3.95 -15.81 -6.44
N VAL A 125 5.00 -15.03 -6.64
CA VAL A 125 4.91 -13.59 -6.80
C VAL A 125 5.11 -13.32 -8.29
N CYS A 126 4.20 -12.56 -8.87
CA CYS A 126 3.89 -12.71 -10.29
C CYS A 126 4.71 -11.81 -11.21
N GLY A 127 5.29 -10.73 -10.70
CA GLY A 127 6.16 -9.87 -11.47
C GLY A 127 5.53 -8.51 -11.71
N PRO A 128 6.37 -7.49 -11.91
CA PRO A 128 5.86 -6.13 -12.10
C PRO A 128 5.52 -5.87 -13.57
N ALA A 129 4.90 -4.72 -13.80
CA ALA A 129 4.57 -4.32 -15.16
C ALA A 129 5.82 -3.78 -15.85
N PRO A 130 6.12 -4.21 -17.07
CA PRO A 130 7.31 -3.67 -17.76
C PRO A 130 7.17 -2.19 -18.08
N ASP A 131 6.01 -1.77 -18.56
CA ASP A 131 5.76 -0.37 -18.87
C ASP A 131 4.83 0.23 -17.81
N ARG A 132 3.94 1.13 -18.22
CA ARG A 132 2.96 1.71 -17.33
C ARG A 132 1.61 1.00 -17.38
N ASP A 133 1.43 0.07 -18.32
CA ASP A 133 0.18 -0.68 -18.46
C ASP A 133 0.14 -1.76 -17.39
N ILE A 134 -0.45 -1.43 -16.25
CA ILE A 134 -0.48 -2.35 -15.12
C ILE A 134 -1.59 -3.39 -15.30
N ASP A 135 -2.72 -3.00 -15.87
CA ASP A 135 -3.82 -3.95 -16.06
C ASP A 135 -3.46 -5.00 -17.11
N GLY A 136 -2.74 -4.60 -18.16
CA GLY A 136 -2.25 -5.59 -19.11
C GLY A 136 -1.31 -6.58 -18.47
N ALA A 137 -0.47 -6.12 -17.55
CA ALA A 137 0.42 -7.02 -16.83
C ALA A 137 -0.38 -7.98 -15.95
N ARG A 138 -1.46 -7.50 -15.32
CA ARG A 138 -2.31 -8.38 -14.54
C ARG A 138 -2.98 -9.44 -15.42
N GLN A 139 -3.42 -9.05 -16.62
CA GLN A 139 -3.97 -10.04 -17.55
C GLN A 139 -2.92 -11.07 -17.95
N MET A 140 -1.69 -10.61 -18.17
CA MET A 140 -0.59 -11.54 -18.44
C MET A 140 -0.43 -12.53 -17.29
N VAL A 141 -0.45 -12.02 -16.06
CA VAL A 141 -0.37 -12.88 -14.86
C VAL A 141 -1.43 -13.96 -14.93
N GLU A 142 -2.68 -13.55 -15.18
CA GLU A 142 -3.78 -14.51 -15.11
C GLU A 142 -3.66 -15.56 -16.20
N VAL A 143 -3.32 -15.16 -17.42
CA VAL A 143 -3.22 -16.15 -18.50
C VAL A 143 -2.02 -17.07 -18.29
N ALA A 144 -0.93 -16.53 -17.75
CA ALA A 144 0.24 -17.36 -17.48
C ALA A 144 -0.07 -18.42 -16.42
N ILE A 145 -0.77 -18.02 -15.35
CA ILE A 145 -1.14 -19.00 -14.32
C ILE A 145 -2.09 -20.04 -14.89
N HIS A 146 -3.09 -19.61 -15.67
CA HIS A 146 -4.06 -20.55 -16.22
C HIS A 146 -3.35 -21.61 -17.05
N GLU A 147 -2.37 -21.18 -17.83
CA GLU A 147 -1.50 -22.09 -18.56
C GLU A 147 -0.69 -23.01 -17.67
N LEU A 148 -0.12 -22.45 -16.61
CA LEU A 148 0.85 -23.19 -15.85
C LEU A 148 0.19 -24.28 -15.03
N VAL A 149 -1.11 -24.15 -14.79
CA VAL A 149 -1.82 -25.02 -13.86
C VAL A 149 -1.83 -26.49 -14.29
N PRO A 150 -1.94 -26.83 -15.58
CA PRO A 150 -1.87 -28.27 -15.92
C PRO A 150 -0.53 -28.92 -15.61
N TYR A 151 0.57 -28.25 -15.95
CA TYR A 151 1.89 -28.79 -15.63
C TYR A 151 2.12 -28.88 -14.12
N ALA A 152 1.50 -27.98 -13.36
CA ALA A 152 1.61 -28.06 -11.90
C ALA A 152 0.83 -29.24 -11.36
N GLN A 153 -0.43 -29.39 -11.79
CA GLN A 153 -1.26 -30.48 -11.29
C GLN A 153 -0.71 -31.84 -11.70
N GLU A 154 -0.06 -31.93 -12.86
CA GLU A 154 0.51 -33.20 -13.30
C GLU A 154 1.56 -33.70 -12.33
N ARG A 155 2.41 -32.81 -11.81
CA ARG A 155 3.51 -33.19 -10.95
C ARG A 155 3.15 -33.08 -9.46
N GLY A 156 1.88 -32.91 -9.13
CA GLY A 156 1.47 -32.93 -7.74
C GLY A 156 1.81 -31.71 -6.92
N VAL A 157 2.16 -30.60 -7.56
CA VAL A 157 2.47 -29.36 -6.86
C VAL A 157 1.28 -28.41 -6.98
N THR A 158 1.03 -27.65 -5.92
CA THR A 158 -0.03 -26.65 -5.90
C THR A 158 0.58 -25.26 -5.86
N LEU A 159 0.07 -24.38 -6.72
CA LEU A 159 0.56 -23.01 -6.82
C LEU A 159 -0.22 -22.11 -5.87
N GLY A 160 0.52 -21.27 -5.14
CA GLY A 160 -0.09 -20.34 -4.21
C GLY A 160 0.30 -18.90 -4.47
N ILE A 161 -0.67 -18.08 -4.87
CA ILE A 161 -0.42 -16.68 -5.19
C ILE A 161 -0.21 -15.90 -3.90
N GLU A 162 0.92 -15.21 -3.80
CA GLU A 162 1.17 -14.39 -2.62
C GLU A 162 0.91 -12.93 -2.97
N PRO A 163 -0.17 -12.33 -2.47
CA PRO A 163 -0.35 -10.89 -2.68
C PRO A 163 0.69 -10.11 -1.93
N LEU A 164 1.25 -9.10 -2.59
CA LEU A 164 2.27 -8.26 -1.99
C LEU A 164 1.68 -6.93 -1.56
N HIS A 165 2.45 -6.19 -0.77
CA HIS A 165 2.01 -4.87 -0.33
C HIS A 165 1.89 -3.93 -1.51
N PRO A 166 0.89 -3.04 -1.53
CA PRO A 166 0.74 -2.13 -2.67
C PRO A 166 1.96 -1.27 -2.95
N MET A 167 2.84 -1.06 -1.96
CA MET A 167 4.06 -0.31 -2.23
C MET A 167 5.05 -1.10 -3.07
N TYR A 168 4.84 -2.41 -3.25
CA TYR A 168 5.64 -3.23 -4.14
C TYR A 168 5.02 -3.39 -5.52
N ALA A 169 3.92 -2.67 -5.80
CA ALA A 169 3.26 -2.80 -7.09
C ALA A 169 4.13 -2.33 -8.24
N ALA A 170 4.95 -1.31 -8.01
CA ALA A 170 5.81 -0.80 -9.08
C ALA A 170 7.05 -1.65 -9.28
N GLU A 171 7.56 -2.27 -8.21
CA GLU A 171 8.90 -2.87 -8.23
C GLU A 171 8.88 -4.39 -8.31
N ARG A 172 8.19 -5.08 -7.41
CA ARG A 172 8.40 -6.52 -7.30
C ARG A 172 7.30 -7.37 -7.92
N SER A 173 6.01 -7.04 -7.76
CA SER A 173 4.98 -7.71 -8.52
C SER A 173 3.69 -6.90 -8.45
N VAL A 174 2.66 -7.43 -9.10
CA VAL A 174 1.48 -6.64 -9.49
C VAL A 174 0.20 -7.04 -8.75
N ILE A 175 0.20 -8.12 -7.99
CA ILE A 175 -0.96 -8.51 -7.20
C ILE A 175 -0.81 -7.87 -5.83
N SER A 176 -1.75 -6.98 -5.49
CA SER A 176 -1.55 -6.09 -4.34
C SER A 176 -2.58 -6.24 -3.23
N THR A 177 -3.70 -6.92 -3.44
CA THR A 177 -4.66 -7.13 -2.37
C THR A 177 -5.12 -8.58 -2.38
N LEU A 178 -5.57 -9.03 -1.20
CA LEU A 178 -5.96 -10.43 -1.03
C LEU A 178 -7.18 -10.76 -1.88
N ALA A 179 -8.10 -9.80 -2.03
CA ALA A 179 -9.28 -10.03 -2.87
C ALA A 179 -8.88 -10.36 -4.30
N GLN A 180 -7.86 -9.68 -4.82
CA GLN A 180 -7.41 -9.92 -6.19
C GLN A 180 -6.87 -11.33 -6.36
N ALA A 181 -5.99 -11.76 -5.44
CA ALA A 181 -5.43 -13.11 -5.53
C ALA A 181 -6.50 -14.18 -5.35
N THR A 182 -7.46 -13.94 -4.45
CA THR A 182 -8.56 -14.89 -4.29
C THR A 182 -9.39 -14.97 -5.55
N THR A 183 -9.63 -13.83 -6.20
CA THR A 183 -10.36 -13.84 -7.47
C THR A 183 -9.63 -14.65 -8.53
N ILE A 184 -8.30 -14.47 -8.63
CA ILE A 184 -7.53 -15.23 -9.60
C ILE A 184 -7.58 -16.72 -9.28
N ALA A 185 -7.50 -17.07 -7.99
CA ALA A 185 -7.47 -18.47 -7.60
C ALA A 185 -8.82 -19.14 -7.75
N GLU A 186 -9.91 -18.37 -7.68
CA GLU A 186 -11.26 -18.94 -7.72
C GLU A 186 -11.60 -19.59 -9.06
N ARG A 187 -10.87 -19.26 -10.13
CA ARG A 187 -11.17 -19.88 -11.42
C ARG A 187 -10.76 -21.35 -11.42
N PHE A 188 -9.75 -21.72 -10.64
CA PHE A 188 -9.27 -23.08 -10.55
C PHE A 188 -9.67 -23.68 -9.22
N THR A 189 -9.74 -25.00 -9.17
CA THR A 189 -10.11 -25.69 -7.94
C THR A 189 -9.01 -25.50 -6.88
N PRO A 190 -9.36 -25.55 -5.60
CA PRO A 190 -8.34 -25.43 -4.54
C PRO A 190 -7.14 -26.34 -4.68
N GLN A 191 -7.30 -27.54 -5.22
CA GLN A 191 -6.16 -28.42 -5.40
C GLN A 191 -5.17 -27.91 -6.44
N GLN A 192 -5.61 -27.03 -7.34
CA GLN A 192 -4.72 -26.47 -8.35
C GLN A 192 -4.09 -25.15 -7.91
N VAL A 193 -4.91 -24.19 -7.48
CA VAL A 193 -4.42 -22.85 -7.13
C VAL A 193 -5.06 -22.39 -5.83
N GLY A 194 -4.27 -21.72 -5.00
CA GLY A 194 -4.74 -21.12 -3.78
C GLY A 194 -4.04 -19.81 -3.49
N VAL A 195 -4.27 -19.25 -2.31
CA VAL A 195 -3.68 -17.96 -1.94
C VAL A 195 -2.73 -18.17 -0.77
N VAL A 196 -1.78 -17.25 -0.64
CA VAL A 196 -0.82 -17.23 0.46
C VAL A 196 -1.01 -15.94 1.22
N VAL A 197 -1.28 -16.04 2.52
CA VAL A 197 -1.55 -14.88 3.36
C VAL A 197 -0.28 -14.53 4.11
N ASP A 198 0.27 -13.34 3.83
CA ASP A 198 1.44 -12.79 4.56
C ASP A 198 0.95 -11.54 5.28
N VAL A 199 1.06 -11.48 6.59
CA VAL A 199 0.51 -10.37 7.36
C VAL A 199 1.20 -9.07 7.02
N PHE A 200 2.44 -9.12 6.53
CA PHE A 200 3.13 -7.89 6.17
C PHE A 200 2.46 -7.20 4.99
N HIS A 201 1.96 -7.97 4.03
CA HIS A 201 1.47 -7.42 2.78
C HIS A 201 -0.01 -7.02 2.79
N VAL A 202 -0.78 -7.41 3.80
CA VAL A 202 -2.22 -7.20 3.70
C VAL A 202 -2.85 -6.85 5.03
N TRP A 203 -2.04 -6.66 6.08
CA TRP A 203 -2.61 -6.30 7.39
C TRP A 203 -3.36 -4.99 7.32
N TRP A 204 -2.95 -4.08 6.44
CA TRP A 204 -3.58 -2.77 6.29
C TRP A 204 -4.99 -2.88 5.76
N ASP A 205 -5.33 -3.97 5.09
CA ASP A 205 -6.54 -4.04 4.27
C ASP A 205 -7.78 -3.76 5.12
N PRO A 206 -8.64 -2.83 4.72
CA PRO A 206 -9.91 -2.63 5.44
C PRO A 206 -10.81 -3.85 5.38
N GLU A 207 -10.86 -4.52 4.23
CA GLU A 207 -11.64 -5.75 4.07
C GLU A 207 -10.79 -6.98 4.35
N LEU A 208 -9.93 -6.90 5.37
CA LEU A 208 -9.01 -7.98 5.69
C LEU A 208 -9.76 -9.27 6.05
N TYR A 209 -10.52 -9.24 7.14
CA TYR A 209 -11.14 -10.46 7.65
C TYR A 209 -12.21 -10.98 6.72
N LYS A 210 -12.95 -10.10 6.04
CA LYS A 210 -13.95 -10.54 5.08
C LYS A 210 -13.31 -11.32 3.94
N GLN A 211 -12.21 -10.79 3.38
CA GLN A 211 -11.52 -11.50 2.30
C GLN A 211 -10.85 -12.77 2.80
N ILE A 212 -10.40 -12.78 4.06
CA ILE A 212 -9.83 -14.01 4.63
C ILE A 212 -10.90 -15.09 4.71
N ALA A 213 -12.07 -14.74 5.22
CA ALA A 213 -13.18 -15.70 5.27
C ALA A 213 -13.60 -16.14 3.87
N ARG A 214 -13.57 -15.21 2.91
CA ARG A 214 -13.93 -15.56 1.54
C ARG A 214 -12.94 -16.55 0.94
N ALA A 215 -11.67 -16.48 1.33
CA ALA A 215 -10.61 -17.32 0.81
C ALA A 215 -10.39 -18.60 1.62
N SER A 216 -11.43 -19.12 2.27
CA SER A 216 -11.26 -20.27 3.16
C SER A 216 -11.49 -21.56 2.41
N GLY A 217 -10.82 -22.62 2.85
CA GLY A 217 -10.63 -23.79 2.03
C GLY A 217 -9.68 -23.61 0.87
N ARG A 218 -9.10 -22.42 0.71
CA ARG A 218 -8.17 -22.15 -0.39
C ARG A 218 -6.87 -21.50 0.07
N ILE A 219 -6.65 -21.38 1.38
CA ILE A 219 -5.40 -20.83 1.89
C ILE A 219 -4.37 -21.94 1.95
N LEU A 220 -3.22 -21.71 1.31
CA LEU A 220 -2.16 -22.72 1.24
C LEU A 220 -0.95 -22.38 2.10
N GLY A 221 -0.89 -21.18 2.67
CA GLY A 221 0.26 -20.80 3.48
C GLY A 221 -0.05 -19.58 4.31
N PHE A 222 0.75 -19.41 5.36
CA PHE A 222 0.60 -18.28 6.26
C PHE A 222 1.97 -17.80 6.69
N HIS A 223 2.31 -16.57 6.33
CA HIS A 223 3.62 -16.03 6.76
C HIS A 223 3.34 -14.93 7.78
N VAL A 224 4.22 -14.76 8.74
CA VAL A 224 4.07 -13.81 9.84
C VAL A 224 5.32 -12.94 9.93
N SER A 225 5.09 -11.65 10.20
CA SER A 225 6.12 -10.66 10.45
C SER A 225 5.43 -9.47 11.13
N ASP A 226 6.16 -8.38 11.31
CA ASP A 226 5.54 -7.19 11.90
C ASP A 226 5.96 -5.95 11.12
N TRP A 227 5.06 -4.96 11.12
CA TRP A 227 5.24 -3.69 10.43
C TRP A 227 5.79 -2.68 11.42
N ILE A 228 7.02 -2.26 11.21
CA ILE A 228 7.73 -1.43 12.18
C ILE A 228 7.50 0.04 11.89
N VAL A 229 7.34 0.84 12.94
CA VAL A 229 7.36 2.29 12.87
C VAL A 229 8.67 2.78 13.50
N PRO A 230 9.46 3.61 12.80
CA PRO A 230 9.26 3.95 11.38
C PRO A 230 9.93 2.93 10.47
N THR A 231 9.50 2.87 9.22
CA THR A 231 10.06 1.94 8.25
C THR A 231 11.53 2.24 7.99
N PRO A 232 12.44 1.27 8.15
CA PRO A 232 13.84 1.50 7.78
C PRO A 232 14.05 1.46 6.28
N ASP A 233 13.60 0.38 5.64
CA ASP A 233 13.72 0.20 4.21
C ASP A 233 12.37 -0.21 3.63
N MET A 234 12.13 0.18 2.38
CA MET A 234 10.90 -0.24 1.72
C MET A 234 10.97 -1.73 1.36
N LEU A 235 12.11 -2.19 0.86
CA LEU A 235 12.27 -3.59 0.50
C LEU A 235 12.74 -4.43 1.68
N LEU A 236 13.23 -3.80 2.74
CA LEU A 236 13.73 -4.51 3.92
C LEU A 236 13.22 -3.80 5.18
N GLY A 237 11.90 -3.70 5.31
CA GLY A 237 11.27 -3.05 6.45
C GLY A 237 10.50 -3.94 7.38
N ARG A 238 10.57 -5.25 7.22
CA ARG A 238 9.90 -6.16 8.14
C ARG A 238 10.72 -6.35 9.41
N GLY A 239 10.04 -6.80 10.45
CA GLY A 239 10.68 -7.15 11.70
C GLY A 239 9.96 -8.34 12.29
N MET A 240 10.46 -8.81 13.42
CA MET A 240 9.89 -10.00 14.03
C MET A 240 8.72 -9.62 14.94
N MET A 241 7.93 -10.61 15.29
CA MET A 241 6.63 -10.40 15.90
C MET A 241 6.75 -9.71 17.25
N GLY A 242 5.75 -8.88 17.56
CA GLY A 242 5.64 -8.18 18.82
C GLY A 242 6.28 -6.81 18.89
N ASP A 243 7.07 -6.43 17.88
CA ASP A 243 7.69 -5.10 17.87
C ASP A 243 6.98 -4.12 16.95
N GLY A 244 5.98 -4.55 16.20
CA GLY A 244 5.29 -3.65 15.30
C GLY A 244 3.83 -3.43 15.67
N VAL A 245 3.01 -3.07 14.67
CA VAL A 245 1.63 -2.67 14.94
C VAL A 245 0.60 -3.73 14.55
N ILE A 246 1.02 -4.82 13.90
CA ILE A 246 0.07 -5.82 13.41
C ILE A 246 -0.51 -6.62 14.57
N GLU A 247 -1.82 -6.84 14.53
CA GLU A 247 -2.50 -7.75 15.47
C GLU A 247 -2.39 -9.16 14.90
N LEU A 248 -1.29 -9.83 15.21
CA LEU A 248 -0.98 -11.12 14.59
C LEU A 248 -1.95 -12.20 15.04
N ASN A 249 -2.18 -12.32 16.35
CA ASN A 249 -3.02 -13.40 16.87
C ASN A 249 -4.42 -13.34 16.28
N ARG A 250 -4.97 -12.13 16.14
CA ARG A 250 -6.31 -11.99 15.56
C ARG A 250 -6.33 -12.49 14.12
N ILE A 251 -5.34 -12.09 13.33
CA ILE A 251 -5.30 -12.47 11.92
C ILE A 251 -5.15 -13.98 11.79
N ARG A 252 -4.34 -14.59 12.64
CA ARG A 252 -4.10 -16.02 12.47
C ARG A 252 -5.23 -16.85 13.06
N GLN A 253 -5.96 -16.32 14.05
CA GLN A 253 -7.20 -16.96 14.46
C GLN A 253 -8.24 -16.86 13.34
N ALA A 254 -8.25 -15.76 12.61
CA ALA A 254 -9.13 -15.63 11.45
C ALA A 254 -8.77 -16.64 10.38
N VAL A 255 -7.47 -16.84 10.13
CA VAL A 255 -7.04 -17.77 9.10
C VAL A 255 -7.20 -19.23 9.54
N GLU A 256 -7.21 -19.49 10.85
CA GLU A 256 -7.49 -20.84 11.33
C GLU A 256 -8.98 -21.14 11.33
N ALA A 257 -9.81 -20.14 11.66
CA ALA A 257 -11.24 -20.27 11.47
C ALA A 257 -11.57 -20.43 9.99
N ALA A 258 -10.63 -20.06 9.11
CA ALA A 258 -10.74 -20.27 7.68
C ALA A 258 -10.36 -21.69 7.28
N GLY A 259 -9.98 -22.53 8.22
CA GLY A 259 -9.68 -23.92 7.92
C GLY A 259 -8.24 -24.20 7.54
N TYR A 260 -7.33 -23.28 7.81
CA TYR A 260 -5.91 -23.47 7.50
C TYR A 260 -5.24 -24.13 8.69
N ARG A 261 -4.83 -25.38 8.51
CA ARG A 261 -4.11 -26.12 9.54
C ARG A 261 -2.66 -26.39 9.15
N GLY A 262 -2.19 -25.77 8.06
CA GLY A 262 -0.85 -26.02 7.56
C GLY A 262 0.23 -25.36 8.39
N PRO A 263 1.46 -25.37 7.89
CA PRO A 263 2.57 -24.77 8.63
C PRO A 263 2.51 -23.24 8.59
N ILE A 264 3.12 -22.64 9.59
CA ILE A 264 3.20 -21.18 9.71
C ILE A 264 4.65 -20.77 9.55
N GLU A 265 4.98 -20.21 8.38
CA GLU A 265 6.30 -19.67 8.15
C GLU A 265 6.37 -18.24 8.69
N VAL A 266 7.55 -17.87 9.17
CA VAL A 266 7.83 -16.48 9.52
C VAL A 266 8.88 -15.97 8.53
N GLU A 267 8.53 -14.91 7.81
CA GLU A 267 9.33 -14.39 6.70
C GLU A 267 9.60 -12.91 6.99
N ILE A 268 10.87 -12.58 7.23
CA ILE A 268 11.28 -11.25 7.65
C ILE A 268 12.36 -10.75 6.71
N PHE A 269 12.15 -9.56 6.16
CA PHE A 269 13.13 -8.88 5.31
C PHE A 269 13.69 -7.73 6.13
N ASN A 270 14.88 -7.92 6.67
CA ASN A 270 15.50 -6.90 7.51
C ASN A 270 16.99 -7.10 7.53
N GLN A 271 17.75 -6.03 7.29
CA GLN A 271 19.19 -6.13 7.39
C GLN A 271 19.65 -6.31 8.82
N ALA A 272 19.02 -5.59 9.76
CA ALA A 272 19.47 -5.62 11.15
C ALA A 272 19.33 -7.02 11.75
N ILE A 273 18.35 -7.78 11.30
CA ILE A 273 18.19 -9.16 11.77
C ILE A 273 18.95 -10.17 10.90
N TRP A 274 19.35 -9.79 9.68
CA TRP A 274 20.11 -10.71 8.85
C TRP A 274 21.56 -10.79 9.27
N ASP A 275 22.14 -9.66 9.70
CA ASP A 275 23.54 -9.65 10.14
C ASP A 275 23.73 -10.46 11.41
N ARG A 276 22.70 -10.58 12.24
CA ARG A 276 22.83 -11.30 13.49
C ARG A 276 23.04 -12.78 13.19
N PRO A 277 23.91 -13.46 13.93
CA PRO A 277 23.97 -14.93 13.84
C PRO A 277 22.59 -15.55 14.01
N GLY A 278 22.32 -16.57 13.18
CA GLY A 278 20.99 -17.11 13.05
C GLY A 278 20.44 -17.80 14.28
N ASP A 279 21.32 -18.31 15.15
CA ASP A 279 20.85 -18.96 16.37
C ASP A 279 20.13 -17.98 17.28
N GLU A 280 20.68 -16.76 17.44
CA GLU A 280 19.98 -15.71 18.17
C GLU A 280 18.57 -15.52 17.63
N VAL A 281 18.46 -15.37 16.31
CA VAL A 281 17.20 -14.96 15.72
C VAL A 281 16.21 -16.12 15.67
N LEU A 282 16.69 -17.37 15.71
CA LEU A 282 15.76 -18.50 15.79
C LEU A 282 15.28 -18.72 17.22
N ALA A 283 16.14 -18.44 18.21
CA ALA A 283 15.67 -18.44 19.60
C ALA A 283 14.59 -17.39 19.79
N GLU A 284 14.87 -16.16 19.35
CA GLU A 284 13.87 -15.10 19.42
C GLU A 284 12.62 -15.46 18.62
N MET A 285 12.82 -16.12 17.47
CA MET A 285 11.73 -16.56 16.62
C MET A 285 10.78 -17.46 17.39
N LYS A 286 11.29 -18.51 18.00
CA LYS A 286 10.43 -19.44 18.71
C LYS A 286 9.79 -18.77 19.93
N ALA A 287 10.58 -17.99 20.68
CA ALA A 287 10.04 -17.34 21.88
C ALA A 287 8.85 -16.45 21.55
N ARG A 288 8.99 -15.58 20.56
CA ARG A 288 7.92 -14.64 20.24
C ARG A 288 6.89 -15.21 19.28
N TYR A 289 7.17 -16.36 18.67
CA TYR A 289 6.12 -17.11 17.99
C TYR A 289 5.16 -17.72 19.01
N LEU A 290 5.71 -18.22 20.12
CA LEU A 290 4.85 -18.75 21.17
C LEU A 290 4.15 -17.62 21.93
N GLU A 291 4.81 -16.47 22.07
CA GLU A 291 4.21 -15.39 22.85
C GLU A 291 3.13 -14.64 22.07
N HIS A 292 3.42 -14.31 20.81
CA HIS A 292 2.52 -13.43 20.05
C HIS A 292 1.64 -14.19 19.06
N VAL A 293 2.26 -14.79 18.05
CA VAL A 293 1.51 -15.49 17.00
C VAL A 293 0.64 -16.59 17.59
N MET B 21 -7.26 9.88 -25.19
CA MET B 21 -6.15 10.68 -25.69
C MET B 21 -6.57 12.13 -25.93
N GLU B 22 -6.28 13.01 -24.98
CA GLU B 22 -6.47 14.45 -25.15
C GLU B 22 -5.40 15.16 -24.35
N ARG B 23 -5.31 16.48 -24.51
CA ARG B 23 -4.58 17.26 -23.52
C ARG B 23 -5.39 18.50 -23.17
N PHE B 24 -4.86 19.26 -22.21
CA PHE B 24 -5.38 20.57 -21.82
C PHE B 24 -4.76 21.68 -22.67
N THR B 25 -5.59 22.66 -23.04
CA THR B 25 -5.10 23.83 -23.76
C THR B 25 -4.78 25.02 -22.86
N ASN B 26 -5.48 25.16 -21.73
CA ASN B 26 -5.18 26.22 -20.77
C ASN B 26 -4.75 25.62 -19.44
N ILE B 27 -4.32 26.50 -18.53
CA ILE B 27 -3.97 26.13 -17.17
C ILE B 27 -5.00 26.64 -16.16
N ASP B 28 -6.22 26.94 -16.60
CA ASP B 28 -7.23 27.49 -15.69
C ASP B 28 -7.67 26.47 -14.65
N ARG B 29 -7.58 25.18 -14.96
CA ARG B 29 -7.93 24.15 -13.97
C ARG B 29 -6.77 23.80 -13.05
N LEU B 30 -5.54 24.13 -13.43
CA LEU B 30 -4.38 23.84 -12.60
C LEU B 30 -4.44 24.58 -11.27
N SER B 31 -3.92 23.93 -10.23
CA SER B 31 -3.74 24.56 -8.93
C SER B 31 -2.37 24.24 -8.39
N LEU B 32 -1.92 25.02 -7.41
CA LEU B 32 -0.63 24.85 -6.78
C LEU B 32 -0.85 24.57 -5.30
N ASN B 33 -0.50 23.36 -4.86
CA ASN B 33 -0.46 23.09 -3.43
C ASN B 33 0.79 23.70 -2.82
N GLN B 34 0.65 24.31 -1.65
CA GLN B 34 1.79 24.98 -1.02
C GLN B 34 2.96 24.04 -0.78
N ILE B 35 2.68 22.75 -0.54
CA ILE B 35 3.72 21.84 -0.05
C ILE B 35 4.65 21.32 -1.14
N THR B 36 4.32 21.53 -2.42
CA THR B 36 5.33 21.32 -3.44
C THR B 36 6.33 22.46 -3.52
N THR B 37 6.03 23.59 -2.86
CA THR B 37 7.00 24.68 -2.68
C THR B 37 7.03 25.05 -1.20
N ASN B 38 7.44 24.05 -0.41
CA ASN B 38 7.54 24.06 1.07
C ASN B 38 8.50 25.16 1.52
N SER B 39 9.53 25.45 0.71
CA SER B 39 10.50 26.49 1.02
C SER B 39 9.84 27.86 1.10
N TRP B 40 8.92 28.15 0.19
CA TRP B 40 8.27 29.45 0.11
C TRP B 40 7.23 29.60 1.21
N SER B 41 7.05 30.85 1.65
CA SER B 41 5.96 31.20 2.55
C SER B 41 4.65 31.29 1.75
N LEU B 42 3.60 31.80 2.38
CA LEU B 42 2.34 31.95 1.67
C LEU B 42 2.35 33.15 0.73
N ARG B 43 3.00 34.23 1.10
CA ARG B 43 3.03 35.36 0.19
C ARG B 43 4.09 35.15 -0.91
N GLU B 44 5.15 34.40 -0.60
CA GLU B 44 6.05 33.97 -1.66
C GLU B 44 5.33 33.05 -2.64
N ALA B 45 4.47 32.16 -2.13
CA ALA B 45 3.72 31.27 -3.00
C ALA B 45 2.75 32.04 -3.88
N ALA B 46 1.98 32.97 -3.26
CA ALA B 46 1.02 33.75 -4.03
C ALA B 46 1.72 34.58 -5.10
N GLU B 47 2.84 35.21 -4.74
CA GLU B 47 3.62 35.94 -5.74
C GLU B 47 4.12 35.04 -6.84
N GLY B 48 4.54 33.82 -6.50
CA GLY B 48 5.01 32.90 -7.52
C GLY B 48 3.92 32.47 -8.48
N CYS B 49 2.70 32.30 -7.99
CA CYS B 49 1.60 31.88 -8.86
C CYS B 49 1.00 33.04 -9.65
N VAL B 50 1.11 34.27 -9.15
CA VAL B 50 0.69 35.39 -9.97
C VAL B 50 1.75 35.70 -11.02
N ARG B 51 3.03 35.48 -10.70
CA ARG B 51 4.09 35.58 -11.70
C ARG B 51 3.89 34.54 -12.80
N ALA B 52 3.47 33.34 -12.44
CA ALA B 52 3.25 32.27 -13.40
C ALA B 52 1.82 32.21 -13.91
N GLU B 53 0.96 33.14 -13.49
CA GLU B 53 -0.43 33.23 -13.97
C GLU B 53 -1.22 31.95 -13.66
N ILE B 54 -0.96 31.37 -12.51
CA ILE B 54 -1.67 30.16 -12.06
C ILE B 54 -2.85 30.61 -11.20
N PRO B 55 -4.08 30.23 -11.56
CA PRO B 55 -5.25 30.81 -10.88
C PRO B 55 -5.60 30.20 -9.53
N TRP B 56 -5.34 28.92 -9.35
CA TRP B 56 -5.80 28.19 -8.17
C TRP B 56 -4.64 27.84 -7.24
N ILE B 57 -4.86 27.97 -5.94
CA ILE B 57 -3.86 27.61 -4.94
C ILE B 57 -4.54 26.84 -3.81
N ALA B 58 -3.79 25.91 -3.22
CA ALA B 58 -4.25 25.08 -2.10
C ALA B 58 -3.38 25.39 -0.89
N LEU B 59 -4.01 25.82 0.20
CA LEU B 59 -3.29 26.36 1.34
C LEU B 59 -3.17 25.34 2.47
N TRP B 60 -2.06 25.42 3.19
CA TRP B 60 -1.81 24.59 4.35
C TRP B 60 -1.98 25.40 5.63
N ARG B 61 -2.48 24.73 6.67
CA ARG B 61 -2.85 25.44 7.89
C ARG B 61 -1.65 26.00 8.64
N ASN B 62 -0.51 25.31 8.61
CA ASN B 62 0.65 25.78 9.34
C ASN B 62 1.16 27.10 8.78
N LYS B 63 1.23 27.22 7.46
CA LYS B 63 1.71 28.46 6.85
C LYS B 63 0.69 29.59 7.03
N VAL B 64 -0.61 29.26 6.99
CA VAL B 64 -1.63 30.28 7.23
C VAL B 64 -1.53 30.81 8.65
N GLU B 65 -1.29 29.92 9.62
CA GLU B 65 -1.09 30.37 10.99
C GLU B 65 0.21 31.16 11.13
N GLU B 66 1.25 30.77 10.40
CA GLU B 66 2.47 31.55 10.33
C GLU B 66 2.17 32.99 9.92
N ALA B 67 1.46 33.17 8.81
CA ALA B 67 1.18 34.51 8.31
C ALA B 67 0.07 35.19 9.10
N GLY B 68 -0.99 34.45 9.43
CA GLY B 68 -2.17 35.04 10.05
C GLY B 68 -3.40 34.89 9.17
N LEU B 69 -4.54 34.59 9.80
CA LEU B 69 -5.75 34.26 9.04
C LEU B 69 -6.20 35.44 8.16
N ALA B 70 -6.48 36.58 8.79
CA ALA B 70 -6.91 37.76 8.04
C ALA B 70 -5.83 38.20 7.06
N GLU B 71 -4.57 38.15 7.48
CA GLU B 71 -3.48 38.54 6.60
C GLU B 71 -3.39 37.61 5.40
N SER B 72 -3.49 36.30 5.63
CA SER B 72 -3.43 35.34 4.52
C SER B 72 -4.59 35.55 3.56
N LYS B 73 -5.79 35.82 4.08
CA LYS B 73 -6.92 36.10 3.22
C LYS B 73 -6.66 37.33 2.36
N ARG B 74 -6.10 38.39 2.94
CA ARG B 74 -5.77 39.56 2.15
C ARG B 74 -4.71 39.23 1.09
N ILE B 75 -3.71 38.42 1.47
CA ILE B 75 -2.63 38.06 0.55
C ILE B 75 -3.21 37.38 -0.69
N VAL B 76 -4.12 36.42 -0.48
CA VAL B 76 -4.67 35.67 -1.61
C VAL B 76 -5.91 36.33 -2.19
N ARG B 77 -6.36 37.46 -1.62
CA ARG B 77 -7.45 38.22 -2.22
C ARG B 77 -6.99 39.33 -3.16
N ASP B 78 -5.83 39.94 -2.90
CA ASP B 78 -5.32 40.91 -3.87
C ASP B 78 -4.37 40.26 -4.87
N ALA B 79 -4.13 38.95 -4.75
CA ALA B 79 -3.51 38.20 -5.84
C ALA B 79 -4.54 37.69 -6.84
N GLY B 80 -5.82 37.84 -6.56
CA GLY B 80 -6.84 37.30 -7.44
C GLY B 80 -6.87 35.80 -7.49
N LEU B 81 -6.36 35.13 -6.46
CA LEU B 81 -6.26 33.67 -6.45
C LEU B 81 -7.52 33.06 -5.87
N LYS B 82 -7.96 31.96 -6.49
CA LYS B 82 -9.00 31.12 -5.93
C LYS B 82 -8.33 29.96 -5.21
N VAL B 83 -8.93 29.54 -4.10
CA VAL B 83 -8.33 28.55 -3.22
C VAL B 83 -9.08 27.23 -3.37
N SER B 84 -8.37 26.20 -3.83
CA SER B 84 -8.99 24.90 -4.09
C SER B 84 -9.25 24.12 -2.80
N SER B 85 -8.21 23.94 -1.98
CA SER B 85 -8.34 23.13 -0.76
C SER B 85 -7.55 23.77 0.36
N LEU B 86 -7.96 23.45 1.59
CA LEU B 86 -7.24 23.81 2.80
C LEU B 86 -6.73 22.55 3.48
N CYS B 87 -5.42 22.51 3.73
CA CYS B 87 -4.79 21.35 4.34
C CYS B 87 -4.30 21.69 5.75
N ARG B 88 -4.63 20.84 6.72
CA ARG B 88 -5.51 19.69 6.55
C ARG B 88 -6.22 19.44 7.88
N GLY B 89 -7.51 19.14 7.82
CA GLY B 89 -8.21 18.70 9.00
C GLY B 89 -8.07 17.20 9.22
N GLY B 90 -8.42 16.77 10.42
CA GLY B 90 -8.41 15.35 10.73
C GLY B 90 -7.75 14.99 12.05
N MET B 91 -6.93 13.93 12.01
CA MET B 91 -6.25 13.40 13.21
C MET B 91 -7.27 13.07 14.30
N PHE B 92 -8.35 12.39 13.90
CA PHE B 92 -9.43 12.10 14.84
C PHE B 92 -9.03 11.06 15.89
N PRO B 93 -8.44 9.91 15.55
CA PRO B 93 -8.17 8.90 16.58
C PRO B 93 -7.18 9.40 17.62
N ALA B 94 -7.50 9.16 18.88
CA ALA B 94 -6.61 9.50 19.98
C ALA B 94 -6.80 8.47 21.09
N ALA B 95 -5.83 8.45 22.01
CA ALA B 95 -5.83 7.43 23.05
C ALA B 95 -7.00 7.64 24.01
N THR B 96 -7.45 8.89 24.24
CA THR B 96 -8.57 9.11 25.13
C THR B 96 -9.52 10.16 24.57
N ALA B 97 -10.64 10.27 25.28
CA ALA B 97 -11.84 10.88 24.73
C ALA B 97 -11.75 12.39 24.81
N ALA B 98 -11.17 12.92 25.89
CA ALA B 98 -10.87 14.34 25.95
C ALA B 98 -9.91 14.74 24.84
N GLU B 99 -8.97 13.85 24.51
CA GLU B 99 -8.06 14.12 23.41
C GLU B 99 -8.79 14.13 22.07
N ARG B 100 -9.75 13.22 21.88
CA ARG B 100 -10.55 13.22 20.65
C ARG B 100 -11.40 14.47 20.56
N ALA B 101 -11.95 14.91 21.70
CA ALA B 101 -12.71 16.16 21.72
C ALA B 101 -11.83 17.34 21.35
N ALA B 102 -10.60 17.37 21.85
CA ALA B 102 -9.66 18.42 21.46
C ALA B 102 -9.34 18.36 19.97
N ARG B 103 -9.18 17.14 19.43
CA ARG B 103 -8.87 16.99 18.02
C ARG B 103 -10.01 17.50 17.15
N ILE B 104 -11.25 17.23 17.56
CA ILE B 104 -12.37 17.72 16.76
C ILE B 104 -12.66 19.19 17.04
N ASP B 105 -12.18 19.75 18.15
CA ASP B 105 -12.23 21.20 18.32
C ASP B 105 -11.23 21.87 17.38
N ASP B 106 -10.06 21.26 17.19
CA ASP B 106 -9.13 21.75 16.18
C ASP B 106 -9.70 21.56 14.78
N ASN B 107 -10.49 20.51 14.56
CA ASN B 107 -11.15 20.33 13.28
C ASN B 107 -12.21 21.40 13.05
N ARG B 108 -12.90 21.82 14.12
CA ARG B 108 -13.81 22.96 14.02
C ARG B 108 -13.04 24.24 13.68
N ARG B 109 -11.85 24.40 14.25
CA ARG B 109 -11.02 25.57 13.92
C ARG B 109 -10.58 25.53 12.46
N ALA B 110 -10.27 24.34 11.95
CA ALA B 110 -9.92 24.21 10.53
C ALA B 110 -11.13 24.49 9.65
N ILE B 111 -12.32 24.06 10.07
CA ILE B 111 -13.53 24.38 9.35
C ILE B 111 -13.72 25.89 9.26
N ASP B 112 -13.49 26.59 10.37
CA ASP B 112 -13.62 28.05 10.38
C ASP B 112 -12.60 28.69 9.44
N GLU B 113 -11.36 28.20 9.47
CA GLU B 113 -10.33 28.74 8.59
C GLU B 113 -10.71 28.54 7.12
N ALA B 114 -11.23 27.35 6.78
CA ALA B 114 -11.66 27.12 5.39
C ALA B 114 -12.84 28.00 5.03
N ALA B 115 -13.76 28.24 5.98
CA ALA B 115 -14.93 29.05 5.70
C ALA B 115 -14.54 30.50 5.42
N GLU B 116 -13.70 31.08 6.28
CA GLU B 116 -13.35 32.48 6.10
C GLU B 116 -12.34 32.69 4.97
N LEU B 117 -11.58 31.66 4.59
CA LEU B 117 -10.69 31.74 3.46
C LEU B 117 -11.36 31.33 2.15
N GLU B 118 -12.67 31.05 2.20
CA GLU B 118 -13.46 30.74 1.00
C GLU B 118 -12.96 29.49 0.28
N ALA B 119 -12.43 28.53 1.03
CA ALA B 119 -11.91 27.31 0.43
C ALA B 119 -13.05 26.45 -0.11
N GLU B 120 -12.81 25.83 -1.27
CA GLU B 120 -13.84 24.98 -1.88
C GLU B 120 -14.09 23.74 -1.04
N VAL B 121 -13.03 23.00 -0.71
CA VAL B 121 -13.13 21.75 0.03
C VAL B 121 -12.11 21.77 1.16
N LEU B 122 -12.52 21.33 2.34
CA LEU B 122 -11.61 21.11 3.45
C LEU B 122 -11.12 19.66 3.39
N VAL B 123 -9.83 19.49 3.12
CA VAL B 123 -9.26 18.15 2.97
C VAL B 123 -9.10 17.52 4.35
N LEU B 124 -9.51 16.26 4.47
CA LEU B 124 -9.43 15.51 5.72
C LEU B 124 -8.56 14.28 5.49
N VAL B 125 -7.40 14.25 6.14
CA VAL B 125 -6.65 13.02 6.37
C VAL B 125 -6.86 12.64 7.83
N CYS B 126 -7.23 11.39 8.08
CA CYS B 126 -8.01 11.09 9.27
C CYS B 126 -7.19 10.74 10.49
N GLY B 127 -5.94 10.28 10.33
CA GLY B 127 -5.08 10.04 11.45
C GLY B 127 -4.83 8.56 11.68
N PRO B 128 -3.71 8.23 12.31
CA PRO B 128 -3.37 6.83 12.53
C PRO B 128 -4.01 6.29 13.80
N ALA B 129 -3.90 4.98 13.97
CA ALA B 129 -4.40 4.35 15.19
C ALA B 129 -3.40 4.55 16.31
N PRO B 130 -3.84 4.93 17.51
CA PRO B 130 -2.88 5.10 18.62
C PRO B 130 -2.24 3.80 19.04
N ASP B 131 -3.01 2.72 19.12
CA ASP B 131 -2.52 1.40 19.50
C ASP B 131 -2.47 0.52 18.25
N ARG B 132 -2.74 -0.77 18.41
CA ARG B 132 -2.81 -1.69 17.29
C ARG B 132 -4.23 -1.92 16.78
N ASP B 133 -5.24 -1.39 17.49
CA ASP B 133 -6.64 -1.55 17.10
C ASP B 133 -6.93 -0.55 15.98
N ILE B 134 -6.79 -1.02 14.74
CA ILE B 134 -6.95 -0.14 13.59
C ILE B 134 -8.42 0.04 13.24
N ASP B 135 -9.24 -1.02 13.39
CA ASP B 135 -10.65 -0.91 13.06
C ASP B 135 -11.39 0.00 14.03
N GLY B 136 -11.01 -0.04 15.31
CA GLY B 136 -11.56 0.91 16.26
C GLY B 136 -11.25 2.34 15.88
N ALA B 137 -10.03 2.57 15.36
CA ALA B 137 -9.67 3.90 14.88
C ALA B 137 -10.51 4.30 13.68
N ARG B 138 -10.81 3.35 12.80
CA ARG B 138 -11.68 3.66 11.66
C ARG B 138 -13.08 4.05 12.15
N GLN B 139 -13.59 3.33 13.16
CA GLN B 139 -14.89 3.68 13.73
C GLN B 139 -14.85 5.08 14.35
N MET B 140 -13.76 5.40 15.05
CA MET B 140 -13.58 6.74 15.59
C MET B 140 -13.63 7.78 14.48
N VAL B 141 -12.93 7.52 13.38
CA VAL B 141 -12.94 8.43 12.23
C VAL B 141 -14.37 8.69 11.77
N GLU B 142 -15.13 7.62 11.54
CA GLU B 142 -16.46 7.83 10.96
C GLU B 142 -17.38 8.56 11.94
N VAL B 143 -17.32 8.23 13.24
CA VAL B 143 -18.20 8.94 14.18
C VAL B 143 -17.77 10.40 14.31
N ALA B 144 -16.46 10.68 14.24
CA ALA B 144 -16.00 12.05 14.31
C ALA B 144 -16.49 12.86 13.11
N ILE B 145 -16.41 12.29 11.91
CA ILE B 145 -16.92 12.97 10.72
C ILE B 145 -18.41 13.20 10.84
N HIS B 146 -19.15 12.19 11.33
CA HIS B 146 -20.59 12.31 11.47
C HIS B 146 -20.94 13.47 12.40
N GLU B 147 -20.22 13.60 13.51
CA GLU B 147 -20.40 14.74 14.40
C GLU B 147 -20.04 16.05 13.71
N LEU B 148 -18.93 16.05 12.96
CA LEU B 148 -18.37 17.29 12.45
C LEU B 148 -19.18 17.89 11.30
N VAL B 149 -19.94 17.07 10.60
CA VAL B 149 -20.58 17.56 9.36
C VAL B 149 -21.66 18.62 9.60
N PRO B 150 -22.43 18.65 10.70
CA PRO B 150 -23.37 19.78 10.86
C PRO B 150 -22.67 21.12 10.94
N TYR B 151 -21.64 21.19 11.77
CA TYR B 151 -20.90 22.46 11.95
C TYR B 151 -20.24 22.85 10.63
N ALA B 152 -20.01 21.88 9.75
CA ALA B 152 -19.37 22.23 8.47
C ALA B 152 -20.43 22.75 7.52
N GLN B 153 -21.49 21.97 7.31
CA GLN B 153 -22.54 22.47 6.43
C GLN B 153 -23.09 23.82 6.88
N GLU B 154 -23.11 24.11 8.18
CA GLU B 154 -23.62 25.39 8.64
C GLU B 154 -22.80 26.54 8.09
N ARG B 155 -21.47 26.37 8.03
CA ARG B 155 -20.58 27.43 7.58
C ARG B 155 -20.25 27.33 6.09
N GLY B 156 -20.97 26.49 5.35
CA GLY B 156 -20.80 26.44 3.91
C GLY B 156 -19.56 25.74 3.41
N VAL B 157 -18.87 24.96 4.25
CA VAL B 157 -17.70 24.23 3.85
C VAL B 157 -18.06 22.76 3.67
N THR B 158 -17.45 22.12 2.68
CA THR B 158 -17.64 20.70 2.42
C THR B 158 -16.36 19.95 2.76
N LEU B 159 -16.50 18.85 3.49
CA LEU B 159 -15.37 18.03 3.89
C LEU B 159 -15.07 16.98 2.83
N GLY B 160 -13.78 16.82 2.51
CA GLY B 160 -13.39 15.83 1.53
C GLY B 160 -12.38 14.85 2.08
N ILE B 161 -12.77 13.59 2.20
CA ILE B 161 -11.89 12.56 2.75
C ILE B 161 -10.84 12.19 1.71
N GLU B 162 -9.58 12.26 2.09
CA GLU B 162 -8.48 11.89 1.16
C GLU B 162 -7.94 10.52 1.58
N PRO B 163 -8.12 9.46 0.78
CA PRO B 163 -7.61 8.16 1.14
C PRO B 163 -6.12 8.21 0.86
N LEU B 164 -5.30 7.73 1.77
CA LEU B 164 -3.85 7.73 1.66
C LEU B 164 -3.35 6.35 1.22
N HIS B 165 -2.08 6.30 0.85
CA HIS B 165 -1.48 5.04 0.42
C HIS B 165 -1.45 4.07 1.59
N PRO B 166 -1.66 2.77 1.36
CA PRO B 166 -1.64 1.80 2.46
C PRO B 166 -0.33 1.78 3.24
N MET B 167 0.77 2.23 2.66
CA MET B 167 2.02 2.32 3.41
C MET B 167 2.00 3.43 4.45
N TYR B 168 1.02 4.34 4.38
CA TYR B 168 0.82 5.36 5.40
C TYR B 168 -0.22 4.95 6.45
N ALA B 169 -0.69 3.71 6.40
CA ALA B 169 -1.71 3.27 7.34
C ALA B 169 -1.21 3.29 8.77
N ALA B 170 0.07 3.01 8.98
CA ALA B 170 0.62 2.99 10.33
C ALA B 170 0.91 4.39 10.86
N GLU B 171 1.27 5.33 10.00
CA GLU B 171 1.85 6.59 10.43
C GLU B 171 0.90 7.78 10.31
N ARG B 172 0.33 8.04 9.14
CA ARG B 172 -0.35 9.31 8.90
C ARG B 172 -1.87 9.25 8.92
N SER B 173 -2.49 8.18 8.39
CA SER B 173 -3.93 8.06 8.56
C SER B 173 -4.37 6.62 8.28
N VAL B 174 -5.68 6.40 8.45
CA VAL B 174 -6.24 5.06 8.57
C VAL B 174 -7.16 4.70 7.40
N ILE B 175 -7.52 5.67 6.57
CA ILE B 175 -8.31 5.41 5.36
C ILE B 175 -7.30 5.20 4.23
N SER B 176 -7.26 3.99 3.68
CA SER B 176 -6.18 3.59 2.79
C SER B 176 -6.64 3.20 1.40
N THR B 177 -7.95 3.03 1.16
CA THR B 177 -8.46 2.71 -0.16
C THR B 177 -9.60 3.63 -0.52
N LEU B 178 -9.80 3.81 -1.83
CA LEU B 178 -10.84 4.73 -2.30
C LEU B 178 -12.23 4.20 -1.95
N ALA B 179 -12.41 2.88 -2.00
CA ALA B 179 -13.70 2.29 -1.64
C ALA B 179 -14.08 2.64 -0.20
N GLN B 180 -13.11 2.64 0.70
CA GLN B 180 -13.39 2.94 2.10
C GLN B 180 -13.87 4.39 2.26
N ALA B 181 -13.16 5.33 1.64
CA ALA B 181 -13.55 6.73 1.76
C ALA B 181 -14.90 6.99 1.08
N THR B 182 -15.15 6.33 -0.06
CA THR B 182 -16.44 6.48 -0.71
C THR B 182 -17.56 5.93 0.15
N THR B 183 -17.31 4.81 0.83
CA THR B 183 -18.31 4.25 1.75
C THR B 183 -18.60 5.22 2.87
N ILE B 184 -17.56 5.84 3.44
CA ILE B 184 -17.78 6.81 4.52
C ILE B 184 -18.55 8.01 4.00
N ALA B 185 -18.22 8.47 2.79
CA ALA B 185 -18.86 9.67 2.26
C ALA B 185 -20.30 9.42 1.83
N GLU B 186 -20.65 8.18 1.49
CA GLU B 186 -22.00 7.89 1.00
C GLU B 186 -23.06 8.07 2.08
N ARG B 187 -22.67 8.12 3.36
CA ARG B 187 -23.66 8.30 4.41
C ARG B 187 -24.23 9.72 4.43
N PHE B 188 -23.44 10.70 4.02
CA PHE B 188 -23.83 12.10 4.02
C PHE B 188 -24.02 12.61 2.58
N THR B 189 -24.68 13.76 2.47
CA THR B 189 -24.97 14.35 1.17
C THR B 189 -23.68 14.71 0.42
N PRO B 190 -23.71 14.72 -0.92
CA PRO B 190 -22.56 15.21 -1.68
C PRO B 190 -22.14 16.61 -1.27
N GLN B 191 -23.10 17.46 -0.93
CA GLN B 191 -22.82 18.79 -0.41
C GLN B 191 -22.22 18.75 0.98
N GLN B 192 -22.37 17.63 1.70
CA GLN B 192 -21.83 17.55 3.05
C GLN B 192 -20.39 17.01 3.07
N VAL B 193 -20.17 15.83 2.49
CA VAL B 193 -18.86 15.17 2.48
C VAL B 193 -18.65 14.51 1.12
N GLY B 194 -17.41 14.52 0.64
CA GLY B 194 -17.04 13.84 -0.58
C GLY B 194 -15.66 13.23 -0.45
N VAL B 195 -15.10 12.74 -1.54
CA VAL B 195 -13.79 12.10 -1.52
C VAL B 195 -12.80 12.94 -2.30
N VAL B 196 -11.52 12.77 -1.98
CA VAL B 196 -10.43 13.46 -2.66
C VAL B 196 -9.54 12.41 -3.30
N VAL B 197 -9.37 12.49 -4.61
CA VAL B 197 -8.61 11.50 -5.36
C VAL B 197 -7.21 12.05 -5.61
N ASP B 198 -6.21 11.41 -5.02
CA ASP B 198 -4.80 11.67 -5.30
C ASP B 198 -4.22 10.42 -5.98
N VAL B 199 -3.60 10.62 -7.14
CA VAL B 199 -3.08 9.47 -7.89
C VAL B 199 -1.94 8.79 -7.16
N PHE B 200 -1.23 9.52 -6.29
CA PHE B 200 -0.14 8.89 -5.55
C PHE B 200 -0.65 7.81 -4.61
N HIS B 201 -1.79 8.06 -3.98
CA HIS B 201 -2.31 7.18 -2.94
C HIS B 201 -3.22 6.07 -3.47
N VAL B 202 -3.59 6.11 -4.76
CA VAL B 202 -4.66 5.22 -5.21
C VAL B 202 -4.41 4.65 -6.60
N TRP B 203 -3.26 4.98 -7.21
CA TRP B 203 -2.97 4.45 -8.54
C TRP B 203 -2.82 2.94 -8.54
N TRP B 204 -2.30 2.37 -7.44
CA TRP B 204 -2.07 0.94 -7.36
C TRP B 204 -3.35 0.12 -7.38
N ASP B 205 -4.48 0.73 -7.01
CA ASP B 205 -5.68 -0.03 -6.70
C ASP B 205 -6.13 -0.88 -7.88
N PRO B 206 -6.35 -2.19 -7.69
CA PRO B 206 -6.92 -2.99 -8.77
C PRO B 206 -8.31 -2.54 -9.18
N GLU B 207 -9.15 -2.18 -8.22
CA GLU B 207 -10.48 -1.64 -8.50
C GLU B 207 -10.47 -0.12 -8.59
N LEU B 208 -9.42 0.45 -9.17
CA LEU B 208 -9.30 1.91 -9.22
C LEU B 208 -10.44 2.54 -10.00
N TYR B 209 -10.56 2.20 -11.29
CA TYR B 209 -11.53 2.87 -12.15
C TYR B 209 -12.97 2.54 -11.75
N LYS B 210 -13.22 1.33 -11.27
CA LYS B 210 -14.57 0.98 -10.80
C LYS B 210 -14.96 1.86 -9.61
N GLN B 211 -14.05 2.01 -8.64
CA GLN B 211 -14.34 2.84 -7.48
C GLN B 211 -14.44 4.31 -7.86
N ILE B 212 -13.67 4.74 -8.86
CA ILE B 212 -13.77 6.12 -9.35
C ILE B 212 -15.14 6.37 -9.93
N ALA B 213 -15.62 5.45 -10.77
CA ALA B 213 -16.96 5.58 -11.33
C ALA B 213 -18.03 5.52 -10.24
N ARG B 214 -17.81 4.68 -9.22
CA ARG B 214 -18.76 4.59 -8.11
C ARG B 214 -18.83 5.89 -7.31
N ALA B 215 -17.72 6.61 -7.23
CA ALA B 215 -17.62 7.84 -6.46
C ALA B 215 -17.99 9.08 -7.27
N SER B 216 -18.92 8.97 -8.23
CA SER B 216 -19.20 10.10 -9.13
C SER B 216 -20.33 10.97 -8.60
N GLY B 217 -20.25 12.24 -8.96
CA GLY B 217 -20.98 13.26 -8.28
C GLY B 217 -20.49 13.56 -6.88
N ARG B 218 -19.44 12.88 -6.41
CA ARG B 218 -18.95 13.06 -5.05
C ARG B 218 -17.44 13.33 -4.97
N ILE B 219 -16.78 13.52 -6.10
CA ILE B 219 -15.36 13.86 -6.09
C ILE B 219 -15.21 15.36 -5.89
N LEU B 220 -14.43 15.74 -4.86
CA LEU B 220 -14.25 17.14 -4.51
C LEU B 220 -12.89 17.70 -4.86
N GLY B 221 -11.94 16.87 -5.26
CA GLY B 221 -10.61 17.34 -5.58
C GLY B 221 -9.83 16.28 -6.33
N PHE B 222 -8.78 16.73 -7.01
CA PHE B 222 -7.92 15.84 -7.78
C PHE B 222 -6.47 16.28 -7.62
N HIS B 223 -5.64 15.41 -7.07
CA HIS B 223 -4.22 15.68 -6.88
C HIS B 223 -3.41 14.74 -7.78
N VAL B 224 -2.36 15.27 -8.40
CA VAL B 224 -1.55 14.51 -9.35
C VAL B 224 -0.09 14.57 -8.93
N SER B 225 0.59 13.44 -9.09
CA SER B 225 2.02 13.27 -8.89
C SER B 225 2.42 12.01 -9.64
N ASP B 226 3.66 11.56 -9.47
CA ASP B 226 4.08 10.33 -10.10
C ASP B 226 4.85 9.46 -9.12
N TRP B 227 4.76 8.15 -9.30
CA TRP B 227 5.40 7.17 -8.44
C TRP B 227 6.73 6.79 -9.07
N ILE B 228 7.83 7.17 -8.42
CA ILE B 228 9.17 7.04 -8.98
C ILE B 228 9.76 5.70 -8.60
N VAL B 229 10.52 5.11 -9.50
CA VAL B 229 11.35 3.94 -9.21
C VAL B 229 12.80 4.39 -9.17
N PRO B 230 13.54 4.10 -8.10
CA PRO B 230 13.02 3.56 -6.84
C PRO B 230 12.58 4.69 -5.90
N THR B 231 11.74 4.37 -4.93
CA THR B 231 11.27 5.37 -3.97
C THR B 231 12.44 5.92 -3.15
N PRO B 232 12.64 7.24 -3.12
CA PRO B 232 13.69 7.80 -2.25
C PRO B 232 13.30 7.78 -0.79
N ASP B 233 12.13 8.33 -0.47
CA ASP B 233 11.60 8.38 0.88
C ASP B 233 10.19 7.83 0.87
N MET B 234 9.80 7.20 1.98
CA MET B 234 8.44 6.70 2.09
C MET B 234 7.45 7.84 2.27
N LEU B 235 7.79 8.80 3.12
CA LEU B 235 6.94 9.94 3.39
C LEU B 235 7.17 11.10 2.42
N LEU B 236 8.25 11.06 1.65
CA LEU B 236 8.56 12.08 0.65
C LEU B 236 9.08 11.40 -0.61
N GLY B 237 8.24 10.54 -1.20
CA GLY B 237 8.60 9.79 -2.39
C GLY B 237 7.87 10.18 -3.64
N ARG B 238 7.11 11.28 -3.63
CA ARG B 238 6.43 11.74 -4.82
C ARG B 238 7.39 12.50 -5.73
N GLY B 239 7.00 12.62 -6.99
CA GLY B 239 7.74 13.38 -7.97
C GLY B 239 6.78 14.06 -8.91
N MET B 240 7.32 14.84 -9.84
CA MET B 240 6.45 15.57 -10.73
C MET B 240 6.05 14.67 -11.90
N MET B 241 4.98 15.07 -12.58
CA MET B 241 4.32 14.18 -13.52
C MET B 241 5.25 13.84 -14.67
N GLY B 242 5.11 12.61 -15.18
CA GLY B 242 5.90 12.15 -16.28
C GLY B 242 7.19 11.45 -15.90
N ASP B 243 7.58 11.48 -14.64
CA ASP B 243 8.81 10.84 -14.19
C ASP B 243 8.58 9.47 -13.57
N GLY B 244 7.32 9.07 -13.37
CA GLY B 244 7.02 7.79 -12.77
C GLY B 244 6.24 6.83 -13.64
N VAL B 245 5.50 5.92 -13.00
CA VAL B 245 4.80 4.85 -13.69
C VAL B 245 3.29 5.07 -13.78
N ILE B 246 2.76 6.12 -13.16
CA ILE B 246 1.32 6.32 -13.10
C ILE B 246 0.79 6.72 -14.47
N GLU B 247 -0.36 6.14 -14.85
CA GLU B 247 -1.10 6.55 -16.04
C GLU B 247 -1.99 7.70 -15.64
N LEU B 248 -1.44 8.91 -15.68
CA LEU B 248 -2.15 10.08 -15.17
C LEU B 248 -3.34 10.44 -16.05
N ASN B 249 -3.11 10.49 -17.37
CA ASN B 249 -4.17 10.91 -18.28
C ASN B 249 -5.37 9.98 -18.19
N ARG B 250 -5.13 8.68 -18.07
CA ARG B 250 -6.24 7.72 -17.95
C ARG B 250 -7.04 7.97 -16.68
N ILE B 251 -6.35 8.14 -15.55
CA ILE B 251 -7.04 8.34 -14.27
C ILE B 251 -7.85 9.63 -14.31
N ARG B 252 -7.30 10.68 -14.91
CA ARG B 252 -8.02 11.95 -14.87
C ARG B 252 -9.13 11.99 -15.91
N GLN B 253 -9.02 11.24 -17.01
CA GLN B 253 -10.17 11.06 -17.88
C GLN B 253 -11.25 10.24 -17.19
N ALA B 254 -10.87 9.27 -16.36
CA ALA B 254 -11.85 8.51 -15.59
C ALA B 254 -12.59 9.40 -14.61
N VAL B 255 -11.86 10.29 -13.92
CA VAL B 255 -12.53 11.17 -12.96
C VAL B 255 -13.26 12.32 -13.66
N GLU B 256 -12.91 12.63 -14.90
CA GLU B 256 -13.67 13.63 -15.66
C GLU B 256 -14.95 13.04 -16.24
N ALA B 257 -14.90 11.79 -16.70
CA ALA B 257 -16.12 11.09 -17.03
C ALA B 257 -16.97 10.88 -15.77
N ALA B 258 -16.36 11.03 -14.59
CA ALA B 258 -17.08 10.99 -13.32
C ALA B 258 -17.71 12.33 -12.97
N GLY B 259 -17.58 13.34 -13.81
CA GLY B 259 -18.27 14.59 -13.59
C GLY B 259 -17.52 15.59 -12.75
N TYR B 260 -16.21 15.42 -12.58
CA TYR B 260 -15.41 16.34 -11.79
C TYR B 260 -14.91 17.43 -12.72
N ARG B 261 -15.41 18.65 -12.53
CA ARG B 261 -14.99 19.80 -13.32
C ARG B 261 -14.20 20.80 -12.48
N GLY B 262 -13.85 20.43 -11.25
CA GLY B 262 -13.18 21.34 -10.35
C GLY B 262 -11.71 21.52 -10.69
N PRO B 263 -10.97 22.19 -9.80
CA PRO B 263 -9.55 22.41 -10.05
C PRO B 263 -8.74 21.14 -9.87
N ILE B 264 -7.57 21.12 -10.51
CA ILE B 264 -6.64 20.00 -10.43
C ILE B 264 -5.41 20.49 -9.69
N GLU B 265 -5.26 20.06 -8.43
CA GLU B 265 -4.07 20.38 -7.68
C GLU B 265 -2.96 19.38 -8.00
N VAL B 266 -1.72 19.86 -7.95
CA VAL B 266 -0.56 18.99 -8.01
C VAL B 266 0.13 19.05 -6.66
N GLU B 267 0.26 17.90 -6.01
CA GLU B 267 0.78 17.82 -4.65
C GLU B 267 1.96 16.85 -4.66
N ILE B 268 3.15 17.37 -4.41
CA ILE B 268 4.38 16.59 -4.52
C ILE B 268 5.13 16.67 -3.20
N PHE B 269 5.44 15.52 -2.63
CA PHE B 269 6.25 15.41 -1.42
C PHE B 269 7.61 14.87 -1.84
N ASN B 270 8.59 15.77 -1.98
CA ASN B 270 9.91 15.36 -2.43
C ASN B 270 10.93 16.38 -2.00
N GLN B 271 12.03 15.91 -1.42
CA GLN B 271 13.14 16.81 -1.08
C GLN B 271 13.84 17.28 -2.35
N ALA B 272 14.00 16.39 -3.34
CA ALA B 272 14.73 16.74 -4.55
C ALA B 272 14.05 17.86 -5.33
N ILE B 273 12.72 17.94 -5.25
CA ILE B 273 11.99 19.03 -5.89
C ILE B 273 11.83 20.23 -4.95
N TRP B 274 12.07 20.02 -3.64
CA TRP B 274 12.02 21.12 -2.68
C TRP B 274 13.27 21.98 -2.76
N ASP B 275 14.41 21.42 -3.16
CA ASP B 275 15.60 22.25 -3.27
C ASP B 275 15.46 23.34 -4.33
N ARG B 276 14.68 23.08 -5.38
CA ARG B 276 14.69 23.95 -6.54
C ARG B 276 14.02 25.30 -6.23
N PRO B 277 14.58 26.39 -6.76
CA PRO B 277 13.83 27.65 -6.76
C PRO B 277 12.44 27.46 -7.34
N GLY B 278 11.45 28.13 -6.74
CA GLY B 278 10.06 27.85 -7.06
C GLY B 278 9.66 28.20 -8.48
N ASP B 279 10.35 29.15 -9.10
CA ASP B 279 10.04 29.50 -10.48
C ASP B 279 10.29 28.31 -11.41
N GLU B 280 11.42 27.63 -11.21
CA GLU B 280 11.71 26.40 -11.93
C GLU B 280 10.59 25.38 -11.79
N VAL B 281 10.17 25.11 -10.55
CA VAL B 281 9.28 23.98 -10.37
C VAL B 281 7.87 24.32 -10.79
N LEU B 282 7.48 25.61 -10.82
CA LEU B 282 6.17 25.96 -11.33
C LEU B 282 6.17 26.01 -12.87
N ALA B 283 7.31 26.36 -13.46
CA ALA B 283 7.46 26.22 -14.91
C ALA B 283 7.35 24.76 -15.33
N GLU B 284 8.12 23.88 -14.67
CA GLU B 284 8.05 22.45 -14.95
C GLU B 284 6.64 21.92 -14.65
N MET B 285 6.01 22.44 -13.60
CA MET B 285 4.65 22.04 -13.24
C MET B 285 3.70 22.27 -14.40
N LYS B 286 3.69 23.50 -14.94
CA LYS B 286 2.78 23.79 -16.05
C LYS B 286 3.16 23.01 -17.30
N ALA B 287 4.47 22.90 -17.58
CA ALA B 287 4.92 22.19 -18.77
C ALA B 287 4.43 20.75 -18.78
N ARG B 288 4.62 20.04 -17.67
CA ARG B 288 4.23 18.64 -17.62
C ARG B 288 2.78 18.44 -17.20
N TYR B 289 2.09 19.48 -16.72
CA TYR B 289 0.65 19.43 -16.57
C TYR B 289 -0.04 19.44 -17.93
N LEU B 290 0.42 20.29 -18.84
CA LEU B 290 -0.13 20.29 -20.19
C LEU B 290 0.38 19.11 -21.00
N GLU B 291 1.63 18.68 -20.77
CA GLU B 291 2.19 17.60 -21.58
C GLU B 291 1.64 16.24 -21.16
N HIS B 292 1.58 15.96 -19.85
CA HIS B 292 1.23 14.62 -19.39
C HIS B 292 -0.22 14.56 -18.91
N VAL B 293 -0.51 15.26 -17.81
CA VAL B 293 -1.84 15.25 -17.21
C VAL B 293 -2.92 15.66 -18.22
#